data_4BF3
#
_entry.id   4BF3
#
_cell.length_a   62.520
_cell.length_b   68.160
_cell.length_c   76.100
_cell.angle_alpha   90.00
_cell.angle_beta   90.00
_cell.angle_gamma   90.00
#
_symmetry.space_group_name_H-M   'P 21 21 21'
#
loop_
_entity.id
_entity.type
_entity.pdbx_description
1 polymer ERPC
2 non-polymer 1,2-ETHANEDIOL
3 water water
#
_entity_poly.entity_id   1
_entity_poly.type   'polypeptide(L)'
_entity_poly.pdbx_seq_one_letter_code
;GPLGSKNHTLYDGQSNGEAKVKKIEFSEFTVKIKNKNNSNNWADLGDLVVRKEEDGIETGLNVGKGDSDTFAGYTATFFS
LEESEVNNFIKA(MSE)TEGGSFKTSLYYGYKDEQSNANGIQNKEIITKIEKIDDFEYITFLGDKIKDSGDKVVEYAILL
EDLKKNLK
;
_entity_poly.pdbx_strand_id   A,B
#
loop_
_chem_comp.id
_chem_comp.type
_chem_comp.name
_chem_comp.formula
EDO non-polymer 1,2-ETHANEDIOL 'C2 H6 O2'
#
# COMPACT_ATOMS: atom_id res chain seq x y z
N LYS A 23 -0.40 4.73 16.74
CA LYS A 23 0.24 3.87 15.75
C LYS A 23 -0.76 3.12 14.83
N ILE A 24 -0.65 3.37 13.53
CA ILE A 24 -1.49 2.74 12.50
C ILE A 24 -0.88 1.36 12.19
N GLU A 25 -1.74 0.32 12.17
CA GLU A 25 -1.31 -1.06 11.93
C GLU A 25 -1.58 -1.58 10.52
N PHE A 26 -2.58 -1.01 9.84
CA PHE A 26 -2.97 -1.42 8.49
C PHE A 26 -1.95 -1.01 7.42
N SER A 27 -1.95 -1.78 6.31
CA SER A 27 -1.04 -1.62 5.17
C SER A 27 -1.84 -1.28 3.92
N GLU A 28 -2.67 -2.21 3.47
CA GLU A 28 -3.54 -2.08 2.31
C GLU A 28 -4.72 -3.01 2.45
N PHE A 29 -5.92 -2.54 2.14
CA PHE A 29 -7.12 -3.37 2.15
C PHE A 29 -8.08 -2.90 1.07
N THR A 30 -9.04 -3.76 0.72
CA THR A 30 -10.04 -3.52 -0.30
C THR A 30 -11.43 -3.65 0.32
N VAL A 31 -12.32 -2.70 -0.02
CA VAL A 31 -13.72 -2.71 0.40
C VAL A 31 -14.58 -2.44 -0.85
N LYS A 32 -15.79 -2.97 -0.89
CA LYS A 32 -16.74 -2.71 -1.98
C LYS A 32 -17.32 -1.30 -1.78
N ILE A 33 -17.48 -0.53 -2.89
CA ILE A 33 -18.04 0.82 -2.84
C ILE A 33 -19.33 0.91 -3.71
N LYS A 34 -20.35 1.58 -3.19
CA LYS A 34 -21.62 1.80 -3.89
C LYS A 34 -21.76 3.27 -4.32
N ASN A 35 -22.60 3.55 -5.31
CA ASN A 35 -22.86 4.93 -5.70
C ASN A 35 -24.35 5.12 -6.00
N LYS A 36 -24.77 6.37 -6.26
CA LYS A 36 -26.18 6.65 -6.61
C LYS A 36 -26.45 6.59 -8.13
N ASN A 37 -27.64 6.04 -8.51
CA ASN A 37 -28.13 5.87 -9.88
C ASN A 37 -28.47 7.19 -10.57
N ASN A 41 -31.24 5.65 -6.53
CA ASN A 41 -31.09 4.28 -6.02
C ASN A 41 -29.61 3.90 -5.83
N TRP A 42 -29.29 3.14 -4.76
CA TRP A 42 -27.93 2.69 -4.49
C TRP A 42 -27.59 1.51 -5.39
N ALA A 43 -26.41 1.58 -6.05
CA ALA A 43 -25.93 0.56 -6.97
C ALA A 43 -24.46 0.25 -6.69
N ASP A 44 -24.05 -1.00 -6.94
CA ASP A 44 -22.67 -1.43 -6.77
C ASP A 44 -21.82 -0.71 -7.83
N LEU A 45 -20.67 -0.14 -7.42
CA LEU A 45 -19.78 0.53 -8.37
C LEU A 45 -18.53 -0.32 -8.63
N GLY A 46 -17.80 -0.63 -7.57
CA GLY A 46 -16.60 -1.43 -7.67
C GLY A 46 -15.90 -1.62 -6.36
N ASP A 47 -14.56 -1.60 -6.42
CA ASP A 47 -13.69 -1.77 -5.25
C ASP A 47 -12.94 -0.51 -4.95
N LEU A 48 -12.76 -0.22 -3.66
CA LEU A 48 -11.94 0.86 -3.18
C LEU A 48 -10.72 0.25 -2.46
N VAL A 49 -9.54 0.49 -2.99
CA VAL A 49 -8.28 0.02 -2.40
C VAL A 49 -7.77 1.16 -1.51
N VAL A 50 -7.48 0.87 -0.22
CA VAL A 50 -7.02 1.85 0.76
C VAL A 50 -5.61 1.48 1.17
N ARG A 51 -4.62 2.36 0.89
CA ARG A 51 -3.21 2.07 1.19
C ARG A 51 -2.58 3.10 2.13
N LYS A 52 -1.82 2.62 3.13
CA LYS A 52 -1.10 3.46 4.06
C LYS A 52 0.31 3.73 3.48
N GLU A 53 0.57 5.00 3.16
CA GLU A 53 1.83 5.39 2.55
C GLU A 53 2.70 6.02 3.59
N GLU A 54 3.95 6.39 3.26
CA GLU A 54 4.85 7.06 4.21
C GLU A 54 4.19 8.33 4.79
N ASP A 55 3.57 9.13 3.93
CA ASP A 55 2.86 10.33 4.31
C ASP A 55 1.40 10.16 3.95
N GLY A 56 0.59 9.86 4.94
CA GLY A 56 -0.84 9.72 4.75
C GLY A 56 -1.32 8.44 4.11
N ILE A 57 -2.47 8.55 3.42
CA ILE A 57 -3.24 7.48 2.79
C ILE A 57 -3.58 7.79 1.34
N GLU A 58 -3.51 6.77 0.48
CA GLU A 58 -3.99 6.86 -0.90
C GLU A 58 -5.10 5.85 -1.13
N THR A 59 -6.20 6.30 -1.75
CA THR A 59 -7.31 5.40 -2.11
C THR A 59 -7.40 5.32 -3.65
N GLY A 60 -7.66 4.12 -4.14
CA GLY A 60 -7.80 3.82 -5.55
C GLY A 60 -9.14 3.18 -5.85
N LEU A 61 -9.66 3.45 -7.04
CA LEU A 61 -10.95 2.90 -7.44
C LEU A 61 -10.75 1.92 -8.57
N ASN A 62 -11.27 0.69 -8.42
CA ASN A 62 -11.26 -0.35 -9.47
C ASN A 62 -12.72 -0.62 -9.86
N VAL A 63 -13.09 -0.26 -11.10
CA VAL A 63 -14.45 -0.46 -11.65
C VAL A 63 -14.41 -1.40 -12.85
N GLY A 64 -15.26 -2.43 -12.84
CA GLY A 64 -15.35 -3.40 -13.94
C GLY A 64 -14.18 -4.36 -14.06
N LYS A 65 -14.30 -5.33 -15.01
CA LYS A 65 -13.28 -6.35 -15.30
C LYS A 65 -12.82 -6.24 -16.75
N ALA A 72 -9.86 -5.68 -13.95
CA ALA A 72 -9.29 -4.58 -14.75
C ALA A 72 -10.24 -3.35 -14.83
N GLY A 73 -10.74 -3.05 -16.05
CA GLY A 73 -11.69 -1.99 -16.40
C GLY A 73 -11.10 -0.61 -16.24
N TYR A 74 -11.65 0.13 -15.26
CA TYR A 74 -11.21 1.44 -14.78
C TYR A 74 -10.37 1.18 -13.50
N THR A 75 -9.16 1.78 -13.43
CA THR A 75 -8.23 1.69 -12.28
C THR A 75 -7.52 3.05 -12.15
N ALA A 76 -7.78 3.81 -11.08
CA ALA A 76 -7.18 5.13 -10.86
C ALA A 76 -7.26 5.61 -9.41
N THR A 77 -6.44 6.63 -9.03
CA THR A 77 -6.53 7.26 -7.70
C THR A 77 -7.93 7.86 -7.56
N PHE A 78 -8.52 7.71 -6.38
CA PHE A 78 -9.84 8.20 -6.08
C PHE A 78 -9.67 9.49 -5.26
N PHE A 79 -8.88 9.43 -4.17
CA PHE A 79 -8.46 10.55 -3.32
C PHE A 79 -7.23 10.19 -2.50
N SER A 80 -6.47 11.18 -2.09
CA SER A 80 -5.31 11.00 -1.22
C SER A 80 -5.39 12.03 -0.09
N LEU A 81 -4.74 11.77 1.04
CA LEU A 81 -4.70 12.68 2.18
C LEU A 81 -3.34 12.61 2.84
N GLU A 82 -2.94 13.69 3.51
CA GLU A 82 -1.66 13.84 4.24
C GLU A 82 -1.69 13.15 5.59
N GLU A 83 -0.51 12.90 6.18
CA GLU A 83 -0.33 12.32 7.51
C GLU A 83 -1.12 13.05 8.62
N SER A 84 -1.18 14.39 8.56
CA SER A 84 -1.89 15.21 9.56
C SER A 84 -3.44 14.99 9.57
N GLU A 85 -3.99 14.38 8.49
CA GLU A 85 -5.43 14.11 8.34
C GLU A 85 -5.78 12.62 8.53
N VAL A 86 -4.79 11.75 8.85
CA VAL A 86 -5.00 10.31 9.04
C VAL A 86 -5.98 10.02 10.21
N ASN A 87 -5.79 10.68 11.38
CA ASN A 87 -6.68 10.50 12.54
C ASN A 87 -8.11 10.92 12.26
N ASN A 88 -8.31 12.08 11.57
CA ASN A 88 -9.63 12.56 11.14
C ASN A 88 -10.30 11.55 10.17
N PHE A 89 -9.52 10.98 9.24
CA PHE A 89 -10.00 10.03 8.23
C PHE A 89 -10.49 8.76 8.91
N ILE A 90 -9.71 8.21 9.82
CA ILE A 90 -10.04 6.99 10.56
C ILE A 90 -11.32 7.20 11.40
N LYS A 91 -11.43 8.34 12.13
CA LYS A 91 -12.62 8.66 12.91
C LYS A 91 -13.85 8.86 11.96
N ALA A 92 -13.69 9.61 10.84
CA ALA A 92 -14.77 9.85 9.88
C ALA A 92 -15.28 8.56 9.21
N MSE A 93 -14.36 7.64 8.87
CA MSE A 93 -14.67 6.38 8.21
C MSE A 93 -15.16 5.26 9.13
O MSE A 93 -15.56 4.19 8.64
CB MSE A 93 -13.47 5.89 7.38
CG MSE A 93 -13.00 6.88 6.32
SE MSE A 93 -14.29 7.30 4.95
CE MSE A 93 -14.22 5.67 3.97
N THR A 94 -15.15 5.49 10.47
CA THR A 94 -15.63 4.50 11.44
C THR A 94 -16.76 5.04 12.35
N GLU A 95 -16.93 6.38 12.44
CA GLU A 95 -17.90 7.00 13.34
C GLU A 95 -18.74 8.11 12.75
N GLY A 96 -18.37 8.58 11.58
CA GLY A 96 -19.00 9.76 10.98
C GLY A 96 -18.12 10.96 11.31
N GLY A 97 -18.00 11.90 10.39
CA GLY A 97 -17.19 13.08 10.63
C GLY A 97 -16.72 13.73 9.36
N SER A 98 -15.51 14.32 9.38
CA SER A 98 -14.92 14.99 8.24
C SER A 98 -13.40 14.91 8.23
N PHE A 99 -12.80 15.02 7.01
CA PHE A 99 -11.35 15.03 6.80
C PHE A 99 -11.04 15.79 5.52
N LYS A 100 -9.83 16.35 5.44
CA LYS A 100 -9.42 17.09 4.26
C LYS A 100 -8.53 16.19 3.40
N THR A 101 -8.88 16.08 2.09
CA THR A 101 -8.08 15.35 1.11
C THR A 101 -7.05 16.33 0.56
N SER A 102 -5.90 15.83 0.07
CA SER A 102 -4.93 16.72 -0.56
C SER A 102 -5.29 16.78 -2.04
N LEU A 103 -5.73 15.64 -2.62
CA LEU A 103 -6.21 15.52 -3.99
C LEU A 103 -7.40 14.60 -4.10
N TYR A 104 -8.45 15.04 -4.80
CA TYR A 104 -9.66 14.27 -5.01
C TYR A 104 -9.92 14.20 -6.52
N TYR A 105 -10.22 13.00 -7.06
CA TYR A 105 -10.57 12.76 -8.48
C TYR A 105 -11.99 12.25 -8.61
N GLY A 106 -12.37 11.28 -7.79
CA GLY A 106 -13.69 10.67 -7.87
C GLY A 106 -13.75 9.76 -9.07
N TYR A 107 -14.97 9.48 -9.55
CA TYR A 107 -15.17 8.63 -10.73
C TYR A 107 -15.44 9.49 -11.98
N LYS A 108 -15.59 8.84 -13.17
CA LYS A 108 -15.83 9.39 -14.51
C LYS A 108 -16.89 10.49 -14.61
N ASP A 109 -17.99 10.40 -13.84
CA ASP A 109 -19.10 11.34 -13.95
C ASP A 109 -18.87 12.67 -13.22
N GLU A 110 -17.78 12.77 -12.46
CA GLU A 110 -17.46 13.97 -11.69
C GLU A 110 -16.57 14.94 -12.45
N GLN A 111 -16.81 16.22 -12.23
CA GLN A 111 -16.05 17.32 -12.81
C GLN A 111 -14.52 17.20 -12.51
N SER A 112 -14.17 16.72 -11.30
CA SER A 112 -12.81 16.54 -10.77
C SER A 112 -12.02 15.40 -11.37
N ASN A 113 -12.69 14.50 -12.09
CA ASN A 113 -12.02 13.32 -12.64
C ASN A 113 -10.86 13.65 -13.57
N ALA A 114 -11.07 14.57 -14.50
CA ALA A 114 -10.03 14.94 -15.45
C ALA A 114 -8.80 15.62 -14.82
N ASN A 115 -8.99 16.64 -13.93
CA ASN A 115 -7.85 17.41 -13.44
C ASN A 115 -7.64 17.49 -11.95
N GLY A 116 -8.49 16.84 -11.17
CA GLY A 116 -8.41 16.84 -9.72
C GLY A 116 -8.90 18.11 -9.07
N ILE A 117 -9.26 18.01 -7.80
CA ILE A 117 -9.60 19.16 -6.98
C ILE A 117 -8.73 19.03 -5.73
N GLN A 118 -7.99 20.07 -5.37
CA GLN A 118 -7.14 20.12 -4.18
C GLN A 118 -7.91 20.62 -2.95
N ASN A 119 -7.52 20.13 -1.75
CA ASN A 119 -8.03 20.54 -0.41
C ASN A 119 -9.53 20.31 -0.18
N LYS A 120 -10.14 19.35 -0.88
CA LYS A 120 -11.56 19.09 -0.72
C LYS A 120 -11.83 18.36 0.61
N GLU A 121 -12.78 18.90 1.37
CA GLU A 121 -13.25 18.35 2.64
C GLU A 121 -14.32 17.28 2.35
N ILE A 122 -14.12 16.08 2.91
CA ILE A 122 -15.10 15.00 2.78
C ILE A 122 -15.83 14.89 4.12
N ILE A 123 -17.16 14.97 4.07
CA ILE A 123 -18.02 14.82 5.24
C ILE A 123 -18.71 13.44 5.16
N THR A 124 -18.56 12.62 6.18
CA THR A 124 -19.18 11.28 6.23
C THR A 124 -20.38 11.22 7.20
N LYS A 125 -21.33 10.34 6.92
CA LYS A 125 -22.51 10.09 7.76
C LYS A 125 -22.69 8.57 7.86
N ILE A 126 -23.24 8.06 8.97
CA ILE A 126 -23.58 6.64 9.10
C ILE A 126 -25.06 6.57 8.76
N GLU A 127 -25.37 5.81 7.71
CA GLU A 127 -26.78 5.65 7.28
C GLU A 127 -27.15 4.18 7.06
N LYS A 128 -28.37 3.84 7.39
CA LYS A 128 -28.88 2.50 7.23
C LYS A 128 -29.42 2.32 5.80
N ILE A 129 -28.91 1.30 5.08
CA ILE A 129 -29.34 0.92 3.74
C ILE A 129 -29.73 -0.55 3.82
N ASP A 130 -31.04 -0.84 3.77
CA ASP A 130 -31.65 -2.17 3.87
C ASP A 130 -31.20 -2.92 5.14
N ASP A 131 -31.37 -2.25 6.31
CA ASP A 131 -31.06 -2.75 7.67
C ASP A 131 -29.54 -2.92 7.91
N PHE A 132 -28.70 -2.34 7.05
CA PHE A 132 -27.24 -2.40 7.20
C PHE A 132 -26.65 -1.02 7.28
N GLU A 133 -25.71 -0.82 8.21
CA GLU A 133 -25.02 0.45 8.38
C GLU A 133 -23.93 0.65 7.34
N TYR A 134 -23.94 1.85 6.75
CA TYR A 134 -22.96 2.27 5.75
C TYR A 134 -22.40 3.62 6.15
N ILE A 135 -21.16 3.85 5.73
CA ILE A 135 -20.49 5.13 5.78
C ILE A 135 -20.83 5.77 4.39
N THR A 136 -21.53 6.92 4.41
CA THR A 136 -21.90 7.62 3.19
C THR A 136 -21.20 8.97 3.12
N PHE A 137 -20.90 9.44 1.90
CA PHE A 137 -20.28 10.74 1.68
C PHE A 137 -20.59 11.28 0.28
N LEU A 138 -20.60 12.61 0.16
CA LEU A 138 -20.80 13.25 -1.13
C LEU A 138 -19.44 13.42 -1.83
N GLY A 139 -19.43 13.28 -3.15
CA GLY A 139 -18.25 13.51 -3.96
C GLY A 139 -18.33 14.90 -4.56
N ASP A 140 -17.84 15.04 -5.77
CA ASP A 140 -17.87 16.31 -6.48
C ASP A 140 -19.14 16.44 -7.34
N LYS A 141 -19.35 17.62 -7.96
CA LYS A 141 -20.44 17.92 -8.89
C LYS A 141 -20.34 16.99 -10.09
N ILE A 142 -21.50 16.67 -10.68
CA ILE A 142 -21.55 15.89 -11.91
C ILE A 142 -21.23 16.87 -13.07
N LYS A 143 -20.42 16.40 -14.04
CA LYS A 143 -19.83 17.09 -15.21
C LYS A 143 -20.67 18.23 -15.86
N ASP A 144 -21.95 17.97 -16.20
CA ASP A 144 -22.81 18.98 -16.82
C ASP A 144 -24.20 19.00 -16.14
N SER A 145 -24.21 19.28 -14.83
CA SER A 145 -25.44 19.31 -14.02
C SER A 145 -25.41 20.40 -12.96
N GLY A 146 -26.56 21.09 -12.82
CA GLY A 146 -26.78 22.20 -11.89
C GLY A 146 -26.59 21.83 -10.42
N ASP A 147 -25.32 21.82 -9.98
CA ASP A 147 -24.84 21.49 -8.63
C ASP A 147 -25.38 20.11 -8.13
N LYS A 148 -25.63 19.17 -9.06
CA LYS A 148 -26.03 17.79 -8.72
C LYS A 148 -24.72 17.05 -8.38
N VAL A 149 -24.68 16.44 -7.19
CA VAL A 149 -23.49 15.78 -6.62
C VAL A 149 -23.67 14.25 -6.50
N VAL A 150 -22.57 13.51 -6.69
CA VAL A 150 -22.48 12.06 -6.55
C VAL A 150 -22.42 11.71 -5.06
N GLU A 151 -23.01 10.58 -4.69
CA GLU A 151 -22.98 10.07 -3.33
C GLU A 151 -22.41 8.65 -3.37
N TYR A 152 -21.53 8.35 -2.40
CA TYR A 152 -20.89 7.04 -2.23
C TYR A 152 -21.28 6.39 -0.90
N ALA A 153 -21.27 5.05 -0.84
CA ALA A 153 -21.54 4.27 0.37
C ALA A 153 -20.58 3.07 0.52
N ILE A 154 -20.05 2.87 1.74
CA ILE A 154 -19.20 1.73 2.08
C ILE A 154 -19.74 1.07 3.36
N LEU A 155 -19.81 -0.26 3.41
CA LEU A 155 -20.25 -0.98 4.61
C LEU A 155 -19.38 -0.61 5.82
N LEU A 156 -20.02 -0.11 6.88
CA LEU A 156 -19.38 0.36 8.11
C LEU A 156 -18.53 -0.72 8.78
N GLU A 157 -19.03 -1.98 8.82
CA GLU A 157 -18.30 -3.11 9.40
C GLU A 157 -16.99 -3.40 8.67
N ASP A 158 -16.98 -3.27 7.32
CA ASP A 158 -15.79 -3.47 6.47
C ASP A 158 -14.69 -2.47 6.80
N LEU A 159 -15.07 -1.21 7.08
CA LEU A 159 -14.12 -0.14 7.44
C LEU A 159 -13.62 -0.29 8.88
N LYS A 160 -14.54 -0.55 9.82
CA LYS A 160 -14.28 -0.75 11.25
C LYS A 160 -13.23 -1.85 11.50
N LYS A 161 -13.36 -3.00 10.79
CA LYS A 161 -12.43 -4.13 10.94
C LYS A 161 -11.06 -3.91 10.29
N ASN A 162 -10.94 -2.96 9.34
CA ASN A 162 -9.69 -2.72 8.65
C ASN A 162 -8.91 -1.52 9.14
N LEU A 163 -9.60 -0.48 9.62
CA LEU A 163 -8.94 0.78 10.05
C LEU A 163 -8.53 0.76 11.52
N LYS A 164 -7.25 0.42 11.72
CA LYS A 164 -6.59 0.24 13.01
C LYS A 164 -5.14 0.72 12.91
N LYS B 23 21.63 -11.15 21.15
CA LYS B 23 22.50 -10.04 20.75
C LYS B 23 22.95 -10.11 19.27
N ILE B 24 22.64 -9.06 18.51
CA ILE B 24 23.01 -8.92 17.10
C ILE B 24 24.45 -8.41 17.04
N GLU B 25 25.30 -9.06 16.22
CA GLU B 25 26.71 -8.74 16.09
C GLU B 25 27.06 -7.95 14.83
N PHE B 26 26.23 -8.06 13.77
CA PHE B 26 26.46 -7.40 12.49
C PHE B 26 26.21 -5.87 12.57
N SER B 27 26.88 -5.15 11.67
CA SER B 27 26.83 -3.70 11.55
C SER B 27 26.22 -3.28 10.22
N GLU B 28 26.92 -3.61 9.12
CA GLU B 28 26.53 -3.33 7.74
C GLU B 28 27.20 -4.30 6.81
N PHE B 29 26.45 -4.83 5.86
CA PHE B 29 26.99 -5.71 4.83
C PHE B 29 26.24 -5.49 3.53
N THR B 30 26.85 -5.95 2.44
CA THR B 30 26.34 -5.83 1.08
C THR B 30 26.21 -7.23 0.48
N VAL B 31 25.09 -7.47 -0.20
CA VAL B 31 24.80 -8.71 -0.93
C VAL B 31 24.27 -8.33 -2.30
N LYS B 32 24.52 -9.16 -3.30
CA LYS B 32 23.99 -8.95 -4.65
C LYS B 32 22.51 -9.34 -4.65
N ILE B 33 21.65 -8.56 -5.34
CA ILE B 33 20.23 -8.85 -5.45
C ILE B 33 19.80 -9.04 -6.90
N LYS B 34 18.97 -10.07 -7.15
CA LYS B 34 18.42 -10.37 -8.48
C LYS B 34 16.94 -9.98 -8.56
N ASN B 35 16.50 -9.63 -9.77
CA ASN B 35 15.17 -9.19 -10.22
C ASN B 35 14.48 -10.26 -11.13
N LYS B 36 13.14 -10.17 -11.30
CA LYS B 36 12.33 -11.05 -12.17
C LYS B 36 11.06 -10.31 -12.58
N ASN B 40 10.22 -12.48 -16.23
CA ASN B 40 9.89 -13.90 -16.16
C ASN B 40 11.14 -14.81 -16.24
N ASN B 41 12.32 -14.17 -16.17
CA ASN B 41 13.67 -14.73 -16.07
C ASN B 41 14.42 -13.95 -14.96
N TRP B 42 15.32 -14.62 -14.23
CA TRP B 42 16.13 -13.99 -13.18
C TRP B 42 17.26 -13.18 -13.80
N ALA B 43 17.40 -11.92 -13.37
CA ALA B 43 18.41 -10.99 -13.87
C ALA B 43 19.10 -10.29 -12.69
N ASP B 44 20.38 -9.95 -12.85
CA ASP B 44 21.12 -9.22 -11.84
C ASP B 44 20.54 -7.80 -11.77
N LEU B 45 20.28 -7.28 -10.57
CA LEU B 45 19.73 -5.93 -10.43
C LEU B 45 20.81 -4.97 -9.89
N GLY B 46 21.34 -5.31 -8.72
CA GLY B 46 22.37 -4.51 -8.09
C GLY B 46 22.81 -5.04 -6.75
N ASP B 47 23.07 -4.12 -5.83
CA ASP B 47 23.51 -4.42 -4.47
C ASP B 47 22.44 -4.02 -3.47
N LEU B 48 22.31 -4.83 -2.42
CA LEU B 48 21.46 -4.55 -1.29
C LEU B 48 22.37 -4.33 -0.08
N VAL B 49 22.34 -3.13 0.47
CA VAL B 49 23.11 -2.78 1.67
C VAL B 49 22.17 -3.01 2.87
N VAL B 50 22.60 -3.83 3.87
CA VAL B 50 21.82 -4.15 5.05
C VAL B 50 22.52 -3.54 6.27
N ARG B 51 21.87 -2.58 6.96
CA ARG B 51 22.47 -1.89 8.09
C ARG B 51 21.66 -2.07 9.39
N LYS B 52 22.37 -2.33 10.50
CA LYS B 52 21.79 -2.45 11.83
C LYS B 52 21.78 -1.05 12.48
N GLU B 53 20.58 -0.52 12.71
CA GLU B 53 20.42 0.81 13.27
C GLU B 53 20.08 0.68 14.73
N GLU B 54 19.93 1.80 15.46
CA GLU B 54 19.56 1.77 16.87
C GLU B 54 18.25 0.99 17.08
N ASP B 55 17.25 1.28 16.26
CA ASP B 55 15.96 0.61 16.26
C ASP B 55 15.80 -0.11 14.92
N GLY B 56 15.99 -1.41 14.94
CA GLY B 56 15.80 -2.23 13.76
C GLY B 56 16.90 -2.19 12.73
N ILE B 57 16.49 -2.45 11.47
CA ILE B 57 17.32 -2.59 10.28
C ILE B 57 16.84 -1.73 9.12
N GLU B 58 17.77 -1.14 8.37
CA GLU B 58 17.48 -0.42 7.14
C GLU B 58 18.20 -1.10 5.98
N THR B 59 17.48 -1.32 4.88
CA THR B 59 18.09 -1.87 3.67
C THR B 59 18.03 -0.79 2.56
N GLY B 60 19.12 -0.71 1.81
CA GLY B 60 19.27 0.21 0.70
C GLY B 60 19.58 -0.51 -0.58
N LEU B 61 19.10 0.03 -1.69
CA LEU B 61 19.36 -0.58 -2.99
C LEU B 61 20.28 0.32 -3.79
N ASN B 62 21.40 -0.24 -4.32
CA ASN B 62 22.31 0.46 -5.22
C ASN B 62 22.26 -0.24 -6.60
N VAL B 63 21.72 0.46 -7.61
CA VAL B 63 21.59 -0.06 -8.99
C VAL B 63 22.46 0.77 -9.95
N TYR B 74 21.32 4.56 -9.30
CA TYR B 74 20.20 4.55 -8.35
C TYR B 74 20.72 4.16 -6.97
N THR B 75 20.39 4.97 -5.93
CA THR B 75 20.76 4.74 -4.52
C THR B 75 19.59 5.24 -3.64
N ALA B 76 18.87 4.31 -2.95
CA ALA B 76 17.72 4.67 -2.12
C ALA B 76 17.35 3.59 -1.11
N THR B 77 16.54 3.93 -0.08
CA THR B 77 16.00 2.96 0.89
C THR B 77 15.14 1.97 0.10
N PHE B 78 15.25 0.70 0.42
CA PHE B 78 14.52 -0.37 -0.22
C PHE B 78 13.35 -0.73 0.71
N PHE B 79 13.66 -1.01 1.99
CA PHE B 79 12.73 -1.27 3.10
C PHE B 79 13.42 -1.08 4.45
N SER B 80 12.64 -0.78 5.48
CA SER B 80 13.13 -0.68 6.85
C SER B 80 12.19 -1.44 7.76
N LEU B 81 12.69 -1.88 8.93
CA LEU B 81 11.90 -2.63 9.90
C LEU B 81 12.32 -2.20 11.29
N GLU B 82 11.40 -2.34 12.26
CA GLU B 82 11.57 -2.01 13.68
C GLU B 82 12.34 -3.10 14.42
N GLU B 83 12.87 -2.77 15.61
CA GLU B 83 13.58 -3.70 16.50
C GLU B 83 12.76 -4.97 16.83
N SER B 84 11.45 -4.85 17.04
CA SER B 84 10.58 -5.98 17.37
C SER B 84 10.44 -7.03 16.23
N GLU B 85 10.83 -6.67 14.99
CA GLU B 85 10.79 -7.53 13.81
C GLU B 85 12.17 -8.06 13.37
N VAL B 86 13.25 -7.71 14.10
CA VAL B 86 14.63 -8.14 13.79
C VAL B 86 14.78 -9.68 13.81
N ASN B 87 14.25 -10.35 14.85
CA ASN B 87 14.32 -11.83 14.96
C ASN B 87 13.59 -12.54 13.82
N ASN B 88 12.38 -12.04 13.46
CA ASN B 88 11.59 -12.53 12.32
C ASN B 88 12.35 -12.36 11.00
N PHE B 89 13.01 -11.21 10.82
CA PHE B 89 13.77 -10.88 9.61
C PHE B 89 14.94 -11.82 9.45
N ILE B 90 15.72 -12.03 10.51
CA ILE B 90 16.88 -12.93 10.53
C ILE B 90 16.46 -14.40 10.21
N LYS B 91 15.37 -14.88 10.82
CA LYS B 91 14.84 -16.21 10.52
C LYS B 91 14.34 -16.31 9.06
N ALA B 92 13.63 -15.30 8.56
CA ALA B 92 13.13 -15.22 7.18
C ALA B 92 14.23 -15.24 6.13
N MSE B 93 15.29 -14.49 6.36
CA MSE B 93 16.44 -14.34 5.47
C MSE B 93 17.43 -15.47 5.54
O MSE B 93 18.34 -15.53 4.73
CB MSE B 93 17.14 -12.98 5.66
CG MSE B 93 16.19 -11.79 5.55
SE MSE B 93 15.31 -11.51 3.80
CE MSE B 93 16.87 -10.74 2.98
N THR B 94 17.27 -16.38 6.50
CA THR B 94 18.20 -17.52 6.60
C THR B 94 17.51 -18.90 6.51
N GLU B 95 16.18 -18.95 6.73
CA GLU B 95 15.43 -20.22 6.74
C GLU B 95 14.12 -20.19 5.96
N GLY B 96 13.65 -19.00 5.63
CA GLY B 96 12.32 -18.83 5.06
C GLY B 96 11.36 -18.53 6.20
N GLY B 97 10.48 -17.59 5.97
CA GLY B 97 9.50 -17.13 6.93
C GLY B 97 8.88 -15.85 6.44
N SER B 98 8.46 -14.99 7.35
CA SER B 98 7.87 -13.68 7.11
C SER B 98 8.29 -12.66 8.18
N PHE B 99 8.20 -11.37 7.85
CA PHE B 99 8.50 -10.24 8.74
C PHE B 99 7.72 -9.02 8.27
N LYS B 100 7.43 -8.11 9.20
CA LYS B 100 6.72 -6.89 8.86
C LYS B 100 7.72 -5.73 8.72
N THR B 101 7.66 -5.02 7.59
CA THR B 101 8.48 -3.84 7.36
C THR B 101 7.70 -2.64 7.93
N SER B 102 8.40 -1.56 8.27
CA SER B 102 7.71 -0.36 8.73
C SER B 102 7.46 0.50 7.50
N LEU B 103 8.35 0.41 6.52
CA LEU B 103 8.27 1.16 5.28
C LEU B 103 8.95 0.38 4.16
N TYR B 104 8.24 0.25 3.04
CA TYR B 104 8.71 -0.46 1.87
C TYR B 104 8.61 0.47 0.66
N TYR B 105 9.68 0.57 -0.16
CA TYR B 105 9.73 1.34 -1.40
C TYR B 105 9.92 0.44 -2.62
N GLY B 106 10.83 -0.52 -2.53
CA GLY B 106 11.16 -1.39 -3.66
C GLY B 106 11.94 -0.62 -4.69
N TYR B 107 11.91 -1.10 -5.95
CA TYR B 107 12.62 -0.44 -7.05
C TYR B 107 11.63 0.39 -7.90
N LYS B 108 12.14 1.11 -8.93
CA LYS B 108 11.46 2.00 -9.89
C LYS B 108 10.15 1.47 -10.49
N ASP B 109 10.06 0.16 -10.77
CA ASP B 109 8.87 -0.41 -11.42
C ASP B 109 7.70 -0.68 -10.47
N GLU B 110 7.92 -0.48 -9.15
CA GLU B 110 6.92 -0.74 -8.13
C GLU B 110 6.04 0.44 -7.79
N GLN B 111 4.75 0.16 -7.54
CA GLN B 111 3.76 1.17 -7.19
C GLN B 111 4.19 1.94 -5.94
N SER B 112 4.88 1.27 -4.98
CA SER B 112 5.39 1.82 -3.72
C SER B 112 6.62 2.71 -3.81
N ASN B 113 7.31 2.74 -4.97
CA ASN B 113 8.55 3.48 -5.09
C ASN B 113 8.40 4.97 -4.83
N ALA B 114 7.37 5.59 -5.42
CA ALA B 114 7.18 7.03 -5.26
C ALA B 114 6.86 7.48 -3.82
N ASN B 115 5.90 6.82 -3.13
CA ASN B 115 5.44 7.29 -1.83
C ASN B 115 5.51 6.32 -0.66
N GLY B 116 6.02 5.11 -0.90
CA GLY B 116 6.14 4.07 0.11
C GLY B 116 4.83 3.40 0.50
N ILE B 117 4.94 2.22 1.05
CA ILE B 117 3.82 1.49 1.64
C ILE B 117 4.24 1.15 3.06
N GLN B 118 3.41 1.48 4.04
CA GLN B 118 3.66 1.19 5.46
C GLN B 118 3.11 -0.20 5.86
N ASN B 119 3.76 -0.88 6.82
CA ASN B 119 3.35 -2.16 7.44
C ASN B 119 3.25 -3.38 6.49
N LYS B 120 3.99 -3.34 5.39
CA LYS B 120 3.94 -4.44 4.43
C LYS B 120 4.69 -5.67 4.96
N GLU B 121 4.02 -6.80 4.88
CA GLU B 121 4.55 -8.11 5.26
C GLU B 121 5.36 -8.71 4.09
N ILE B 122 6.60 -9.09 4.36
CA ILE B 122 7.44 -9.77 3.38
C ILE B 122 7.48 -11.26 3.71
N ILE B 123 7.09 -12.09 2.74
CA ILE B 123 7.10 -13.55 2.89
C ILE B 123 8.24 -14.11 2.02
N THR B 124 9.11 -14.93 2.64
CA THR B 124 10.26 -15.53 1.95
C THR B 124 10.15 -17.03 1.87
N LYS B 125 10.97 -17.60 0.97
CA LYS B 125 11.16 -19.01 0.77
C LYS B 125 12.56 -19.22 0.16
N ILE B 126 13.07 -20.46 0.29
CA ILE B 126 14.35 -20.91 -0.24
C ILE B 126 14.07 -21.64 -1.55
N GLU B 127 14.62 -21.13 -2.65
CA GLU B 127 14.47 -21.68 -4.02
C GLU B 127 15.85 -22.03 -4.58
N LYS B 128 15.93 -23.05 -5.40
CA LYS B 128 17.15 -23.39 -6.12
C LYS B 128 17.09 -22.71 -7.50
N ILE B 129 18.11 -21.92 -7.82
CA ILE B 129 18.27 -21.23 -9.11
C ILE B 129 19.65 -21.66 -9.64
N ASP B 130 19.65 -22.51 -10.68
CA ASP B 130 20.85 -23.06 -11.33
C ASP B 130 21.77 -23.78 -10.32
N ASP B 131 21.17 -24.72 -9.53
CA ASP B 131 21.83 -25.55 -8.51
C ASP B 131 22.35 -24.76 -7.29
N PHE B 132 21.88 -23.51 -7.13
CA PHE B 132 22.26 -22.66 -6.00
C PHE B 132 21.04 -22.21 -5.23
N GLU B 133 21.14 -22.24 -3.89
CA GLU B 133 20.05 -21.83 -3.01
C GLU B 133 19.96 -20.32 -2.90
N TYR B 134 18.74 -19.79 -3.04
CA TYR B 134 18.44 -18.38 -2.94
C TYR B 134 17.28 -18.18 -1.99
N ILE B 135 17.25 -17.02 -1.34
CA ILE B 135 16.14 -16.51 -0.56
C ILE B 135 15.35 -15.66 -1.58
N THR B 136 14.08 -16.02 -1.83
CA THR B 136 13.23 -15.27 -2.75
C THR B 136 12.03 -14.66 -2.01
N PHE B 137 11.55 -13.50 -2.51
CA PHE B 137 10.38 -12.82 -1.96
C PHE B 137 9.69 -11.94 -3.00
N LEU B 138 8.39 -11.73 -2.82
CA LEU B 138 7.64 -10.84 -3.70
C LEU B 138 7.71 -9.39 -3.14
N GLY B 139 7.76 -8.42 -4.04
CA GLY B 139 7.71 -7.01 -3.70
C GLY B 139 6.29 -6.49 -3.88
N ASP B 140 6.15 -5.22 -4.28
CA ASP B 140 4.84 -4.64 -4.53
C ASP B 140 4.41 -4.88 -6.01
N LYS B 141 3.13 -4.50 -6.33
CA LYS B 141 2.54 -4.53 -7.66
C LYS B 141 3.38 -3.62 -8.54
N ILE B 142 3.60 -4.05 -9.76
CA ILE B 142 4.30 -3.29 -10.80
C ILE B 142 3.33 -2.15 -11.21
N LYS B 143 3.87 -0.92 -11.38
CA LYS B 143 3.14 0.30 -11.78
C LYS B 143 2.30 0.03 -13.06
N ASP B 144 1.04 0.54 -13.08
CA ASP B 144 0.05 0.48 -14.18
C ASP B 144 -0.49 -0.93 -14.53
N SER B 145 0.15 -2.02 -14.05
CA SER B 145 -0.36 -3.38 -14.25
C SER B 145 -1.40 -3.58 -13.09
N GLY B 146 -2.24 -4.60 -13.07
CA GLY B 146 -2.27 -5.86 -13.82
C GLY B 146 -2.21 -6.94 -12.77
N ASP B 147 -1.96 -6.47 -11.51
CA ASP B 147 -1.80 -7.24 -10.28
C ASP B 147 -0.62 -8.21 -10.38
N LYS B 148 0.31 -7.87 -11.29
CA LYS B 148 1.58 -8.56 -11.50
C LYS B 148 2.56 -7.94 -10.52
N VAL B 149 3.31 -8.79 -9.83
CA VAL B 149 4.24 -8.35 -8.80
C VAL B 149 5.69 -8.69 -9.17
N VAL B 150 6.61 -7.88 -8.61
CA VAL B 150 8.06 -8.04 -8.75
C VAL B 150 8.52 -9.12 -7.79
N GLU B 151 9.53 -9.90 -8.18
CA GLU B 151 10.14 -10.94 -7.37
C GLU B 151 11.63 -10.66 -7.26
N TYR B 152 12.18 -10.83 -6.06
CA TYR B 152 13.61 -10.66 -5.73
C TYR B 152 14.24 -11.95 -5.27
N ALA B 153 15.57 -12.10 -5.52
CA ALA B 153 16.36 -13.26 -5.07
C ALA B 153 17.73 -12.83 -4.54
N ILE B 154 18.14 -13.40 -3.40
CA ILE B 154 19.46 -13.18 -2.77
C ILE B 154 20.07 -14.54 -2.44
N LEU B 155 21.37 -14.73 -2.73
CA LEU B 155 22.08 -15.96 -2.40
C LEU B 155 21.99 -16.25 -0.89
N LEU B 156 21.45 -17.43 -0.55
CA LEU B 156 21.22 -17.88 0.83
C LEU B 156 22.51 -17.90 1.66
N GLU B 157 23.63 -18.38 1.07
CA GLU B 157 24.94 -18.43 1.75
C GLU B 157 25.43 -17.04 2.15
N ASP B 158 25.19 -16.00 1.29
CA ASP B 158 25.58 -14.60 1.54
C ASP B 158 24.85 -14.03 2.77
N LEU B 159 23.57 -14.40 2.94
CA LEU B 159 22.75 -13.94 4.07
C LEU B 159 23.11 -14.70 5.35
N LYS B 160 23.26 -16.05 5.25
CA LYS B 160 23.60 -16.94 6.35
C LYS B 160 24.91 -16.53 7.04
N LYS B 161 25.95 -16.19 6.25
CA LYS B 161 27.26 -15.79 6.78
C LYS B 161 27.28 -14.39 7.40
N ASN B 162 26.30 -13.54 7.07
CA ASN B 162 26.29 -12.16 7.56
C ASN B 162 25.35 -11.90 8.70
N LEU B 163 24.22 -12.63 8.75
CA LEU B 163 23.17 -12.41 9.76
C LEU B 163 23.36 -13.24 11.03
C1 EDO C . -4.19 -4.56 6.75
O1 EDO C . -3.64 -3.93 5.62
C2 EDO C . -5.73 -4.78 6.57
O2 EDO C . -6.47 -3.89 7.41
C1 EDO D . 28.85 -8.33 8.82
O1 EDO D . 27.92 -9.38 8.66
C2 EDO D . 28.07 -6.99 9.00
O2 EDO D . 28.85 -6.02 9.69
C1 EDO E . 1.23 -6.65 2.69
O1 EDO E . 1.35 -6.78 4.09
C2 EDO E . 0.08 -5.62 2.39
O2 EDO E . 0.64 -4.39 2.00
C1 EDO F . 2.19 3.76 -3.40
O1 EDO F . 2.74 3.39 -2.15
C2 EDO F . 2.70 5.14 -3.91
O2 EDO F . 4.09 5.13 -4.20
C1 EDO G . 33.47 -0.21 9.48
O1 EDO G . 33.67 0.96 10.29
C2 EDO G . 33.30 -1.52 10.34
O2 EDO G . 32.11 -1.55 11.17
#